data_5HT5
#
_entry.id   5HT5
#
_cell.length_a   85.461
_cell.length_b   85.461
_cell.length_c   77.675
_cell.angle_alpha   90.00
_cell.angle_beta   90.00
_cell.angle_gamma   120.00
#
_symmetry.space_group_name_H-M   'H 3'
#
loop_
_entity.id
_entity.type
_entity.pdbx_description
1 polymer 'Dihydrofolate reductase'
2 non-polymer 'NADPH DIHYDRO-NICOTINAMIDE-ADENINE-DINUCLEOTIDE PHOSPHATE'
3 non-polymer 6-[(4-methoxyphenyl)sulfanyl]-5,7-dimethyl-7H-pyrrolo[2,3-d]pyrimidine-2,4-diamine
4 water water
#
_entity_poly.entity_id   1
_entity_poly.type   'polypeptide(L)'
_entity_poly.pdbx_seq_one_letter_code
;VGSLNCIVAVSQNMGIGKNGDLPWPPLRNEFRYFQRMTTTSSVEGKQNLVIMGKKTWFSIPEKNRPLKGRINLVLSRELK
EPPQGAHFLSRSLDDALKLTEQPELANKVDMVWIVGGSSVYKEAMNHPGHLKLFVTRIMQDFESDTFFPEIDLEKYKLLP
EYPGVLSDVQEEKGIKYKFEVYEKND
;
_entity_poly.pdbx_strand_id   A
#
# COMPACT_ATOMS: atom_id res chain seq x y z
N VAL A 1 13.39 -10.22 -7.28
CA VAL A 1 12.40 -9.28 -6.56
C VAL A 1 12.77 -7.82 -6.90
N GLY A 2 11.83 -7.01 -7.39
CA GLY A 2 12.26 -5.63 -7.68
C GLY A 2 12.02 -4.64 -6.54
N SER A 3 11.26 -3.60 -6.88
CA SER A 3 11.08 -2.42 -6.05
C SER A 3 10.30 -2.69 -4.79
N LEU A 4 10.59 -1.94 -3.72
CA LEU A 4 9.77 -1.94 -2.53
C LEU A 4 9.05 -0.60 -2.50
N ASN A 5 7.77 -0.64 -2.26
CA ASN A 5 6.93 0.58 -2.32
C ASN A 5 5.84 0.59 -1.25
N CYS A 6 5.45 1.82 -0.81
CA CYS A 6 4.22 1.98 -0.03
C CYS A 6 3.18 2.66 -0.91
N ILE A 7 1.91 2.30 -0.71
CA ILE A 7 0.82 3.05 -1.33
C ILE A 7 -0.25 3.32 -0.26
N VAL A 8 -0.80 4.54 -0.28
CA VAL A 8 -1.76 4.98 0.73
C VAL A 8 -2.61 6.08 0.13
N ALA A 9 -3.87 6.20 0.57
CA ALA A 9 -4.61 7.47 0.36
C ALA A 9 -4.84 8.10 1.72
N VAL A 10 -4.60 9.42 1.81
CA VAL A 10 -4.66 10.10 3.12
C VAL A 10 -5.36 11.43 2.96
N SER A 11 -6.03 11.86 4.04
CA SER A 11 -6.75 13.13 4.09
C SER A 11 -5.73 14.16 4.58
N GLN A 12 -6.15 15.44 4.61
CA GLN A 12 -5.28 16.50 4.99
C GLN A 12 -4.85 16.38 6.41
N ASN A 13 -5.69 15.85 7.28
CA ASN A 13 -5.28 15.64 8.65
C ASN A 13 -4.62 14.28 8.83
N MET A 14 -4.20 13.65 7.73
CA MET A 14 -3.28 12.49 7.81
C MET A 14 -4.04 11.20 8.16
N GLY A 15 -5.37 11.25 8.01
CA GLY A 15 -6.22 10.08 8.34
C GLY A 15 -6.25 9.06 7.24
N ILE A 16 -6.15 7.75 7.59
CA ILE A 16 -6.30 6.69 6.58
C ILE A 16 -7.45 5.72 6.89
N GLY A 17 -8.05 5.82 8.04
CA GLY A 17 -9.13 4.89 8.37
C GLY A 17 -9.97 5.40 9.51
N LYS A 18 -11.21 4.87 9.58
CA LYS A 18 -12.16 5.16 10.66
C LYS A 18 -13.05 3.89 10.87
N ASN A 19 -13.04 3.31 12.06
CA ASN A 19 -13.91 2.13 12.40
C ASN A 19 -13.75 1.05 11.35
N GLY A 20 -12.52 0.88 10.86
CA GLY A 20 -12.26 -0.27 9.99
C GLY A 20 -12.64 -0.07 8.55
N ASP A 21 -12.96 1.17 8.17
CA ASP A 21 -13.27 1.52 6.81
C ASP A 21 -12.48 2.79 6.45
N LEU A 22 -12.68 3.32 5.25
CA LEU A 22 -12.06 4.60 4.86
C LEU A 22 -12.77 5.84 5.49
N PRO A 23 -12.02 6.92 5.82
CA PRO A 23 -12.71 8.11 6.41
C PRO A 23 -13.68 8.84 5.47
N TRP A 24 -13.52 8.66 4.15
CA TRP A 24 -14.36 9.32 3.11
C TRP A 24 -15.19 8.29 2.41
N PRO A 25 -16.27 8.73 1.74
CA PRO A 25 -17.06 7.77 0.98
C PRO A 25 -16.22 7.17 -0.16
N PRO A 26 -16.61 6.01 -0.66
CA PRO A 26 -15.87 5.31 -1.69
C PRO A 26 -15.60 6.19 -2.88
N LEU A 27 -14.34 6.23 -3.31
CA LEU A 27 -13.98 6.99 -4.48
C LEU A 27 -13.52 5.92 -5.47
N ARG A 28 -14.44 5.48 -6.35
CA ARG A 28 -14.21 4.48 -7.44
C ARG A 28 -12.89 4.60 -8.26
N ASN A 29 -12.60 5.77 -8.79
CA ASN A 29 -11.36 5.95 -9.57
C ASN A 29 -10.09 5.88 -8.75
N GLU A 30 -10.22 6.20 -7.47
CA GLU A 30 -9.07 6.05 -6.54
C GLU A 30 -8.80 4.57 -6.27
N PHE A 31 -9.86 3.76 -6.08
CA PHE A 31 -9.69 2.31 -5.90
C PHE A 31 -9.11 1.71 -7.17
N ARG A 32 -9.65 2.12 -8.31
CA ARG A 32 -9.11 1.65 -9.59
C ARG A 32 -7.65 1.97 -9.76
N TYR A 33 -7.30 3.21 -9.40
CA TYR A 33 -5.90 3.66 -9.34
C TYR A 33 -5.09 2.69 -8.50
N PHE A 34 -5.55 2.39 -7.26
CA PHE A 34 -4.84 1.46 -6.35
C PHE A 34 -4.65 0.09 -6.98
N GLN A 35 -5.72 -0.39 -7.62
CA GLN A 35 -5.74 -1.68 -8.28
C GLN A 35 -4.70 -1.76 -9.42
N ARG A 36 -4.72 -0.77 -10.31
CA ARG A 36 -3.79 -0.65 -11.45
C ARG A 36 -2.33 -0.64 -10.94
N MET A 37 -2.03 0.16 -9.89
CA MET A 37 -0.63 0.37 -9.50
C MET A 37 -0.11 -0.89 -8.83
N THR A 38 -0.93 -1.50 -7.97
CA THR A 38 -0.41 -2.66 -7.27
C THR A 38 -0.35 -3.88 -8.19
N THR A 39 -1.25 -3.95 -9.19
CA THR A 39 -1.31 -5.15 -10.11
C THR A 39 -0.24 -5.16 -11.19
N THR A 40 -0.04 -4.00 -11.81
CA THR A 40 0.79 -3.93 -13.00
C THR A 40 2.26 -4.22 -12.70
N SER A 41 2.78 -5.25 -13.35
CA SER A 41 4.18 -5.61 -13.29
C SER A 41 4.88 -5.43 -14.64
N SER A 42 6.02 -4.71 -14.64
CA SER A 42 6.88 -4.54 -15.84
C SER A 42 7.64 -5.81 -16.32
N VAL A 43 7.95 -6.74 -15.42
CA VAL A 43 8.63 -8.00 -15.75
C VAL A 43 7.64 -9.13 -16.18
N GLU A 44 7.53 -9.44 -17.48
CA GLU A 44 6.56 -10.48 -17.98
C GLU A 44 6.66 -11.82 -17.21
N GLY A 45 5.55 -12.50 -16.97
CA GLY A 45 5.55 -13.77 -16.22
C GLY A 45 5.80 -13.62 -14.71
N LYS A 46 5.62 -12.42 -14.18
CA LYS A 46 5.64 -12.25 -12.74
C LYS A 46 4.45 -11.48 -12.23
N GLN A 47 4.33 -11.56 -10.92
CA GLN A 47 3.30 -10.87 -10.16
C GLN A 47 3.91 -10.02 -9.05
N ASN A 48 3.19 -8.93 -8.78
CA ASN A 48 3.48 -8.14 -7.59
C ASN A 48 2.99 -8.85 -6.30
N LEU A 49 3.73 -8.63 -5.22
CA LEU A 49 3.30 -9.07 -3.89
C LEU A 49 2.69 -7.91 -3.15
N VAL A 50 1.57 -8.14 -2.45
CA VAL A 50 1.03 -7.03 -1.59
C VAL A 50 1.15 -7.55 -0.14
N ILE A 51 1.68 -6.72 0.74
CA ILE A 51 1.86 -7.02 2.16
C ILE A 51 0.91 -6.10 2.94
N MET A 52 0.05 -6.66 3.80
CA MET A 52 -0.80 -5.84 4.64
C MET A 52 -0.88 -6.38 6.09
N GLY A 53 -1.11 -5.47 7.06
CA GLY A 53 -1.60 -5.84 8.40
C GLY A 53 -2.95 -6.59 8.36
N LYS A 54 -3.28 -7.19 9.48
CA LYS A 54 -4.45 -8.12 9.64
C LYS A 54 -5.72 -7.30 9.51
N LYS A 55 -5.70 -6.16 10.17
CA LYS A 55 -6.93 -5.32 10.19
C LYS A 55 -7.17 -4.72 8.78
N THR A 56 -6.11 -4.31 8.05
CA THR A 56 -6.25 -4.03 6.59
C THR A 56 -6.93 -5.14 5.74
N TRP A 57 -6.39 -6.34 5.83
CA TRP A 57 -7.04 -7.50 5.21
C TRP A 57 -8.57 -7.57 5.41
N PHE A 58 -9.01 -7.48 6.68
CA PHE A 58 -10.42 -7.71 7.00
C PHE A 58 -11.22 -6.49 6.64
N SER A 59 -10.55 -5.38 6.34
N SER A 59 -10.53 -5.38 6.30
CA SER A 59 -11.26 -4.18 5.90
CA SER A 59 -11.18 -4.14 5.85
C SER A 59 -11.67 -4.30 4.43
C SER A 59 -11.49 -4.14 4.38
N ILE A 60 -10.94 -5.11 3.65
CA ILE A 60 -11.21 -5.23 2.20
C ILE A 60 -12.47 -6.08 2.09
N PRO A 61 -13.43 -5.69 1.19
CA PRO A 61 -14.65 -6.52 1.08
C PRO A 61 -14.28 -8.00 0.75
N GLU A 62 -14.85 -8.96 1.50
CA GLU A 62 -14.70 -10.42 1.26
C GLU A 62 -14.67 -10.86 -0.21
N LYS A 63 -15.50 -10.24 -1.04
CA LYS A 63 -15.52 -10.59 -2.46
C LYS A 63 -14.29 -10.13 -3.17
N ASN A 64 -13.58 -9.16 -2.64
CA ASN A 64 -12.36 -8.68 -3.30
C ASN A 64 -11.08 -9.29 -2.74
N ARG A 65 -11.21 -10.24 -1.79
CA ARG A 65 -10.10 -10.95 -1.12
C ARG A 65 -9.98 -12.36 -1.67
N PRO A 66 -8.76 -12.80 -2.01
CA PRO A 66 -7.53 -11.95 -2.04
C PRO A 66 -7.59 -10.89 -3.15
N LEU A 67 -6.79 -9.84 -3.06
CA LEU A 67 -6.65 -8.89 -4.15
C LEU A 67 -6.16 -9.67 -5.41
N LYS A 68 -6.99 -9.69 -6.48
CA LYS A 68 -6.74 -10.58 -7.62
C LYS A 68 -5.49 -10.21 -8.44
N GLY A 69 -4.81 -11.24 -8.96
CA GLY A 69 -3.64 -11.05 -9.79
C GLY A 69 -2.38 -10.59 -9.04
N ARG A 70 -2.43 -10.53 -7.71
CA ARG A 70 -1.32 -10.18 -6.84
C ARG A 70 -1.22 -11.31 -5.83
N ILE A 71 0.01 -11.55 -5.36
CA ILE A 71 0.28 -12.45 -4.23
C ILE A 71 -0.02 -11.67 -2.95
N ASN A 72 -0.92 -12.24 -2.17
CA ASN A 72 -1.42 -11.60 -0.89
C ASN A 72 -0.76 -12.17 0.37
N LEU A 73 0.03 -11.33 1.05
CA LEU A 73 0.64 -11.70 2.29
C LEU A 73 0.13 -10.85 3.46
N VAL A 74 -0.33 -11.51 4.52
CA VAL A 74 -0.90 -10.80 5.72
C VAL A 74 0.12 -10.83 6.85
N LEU A 75 0.29 -9.71 7.55
CA LEU A 75 1.09 -9.69 8.77
C LEU A 75 0.29 -9.89 10.06
N SER A 76 0.66 -10.87 10.90
CA SER A 76 0.06 -11.09 12.26
C SER A 76 0.94 -11.98 13.13
N ARG A 77 1.03 -11.63 14.43
CA ARG A 77 1.64 -12.50 15.42
C ARG A 77 0.59 -13.37 16.12
N GLU A 78 -0.68 -12.99 16.02
CA GLU A 78 -1.75 -13.84 16.66
C GLU A 78 -2.24 -15.02 15.80
N LEU A 79 -2.40 -14.79 14.50
CA LEU A 79 -2.86 -15.81 13.63
C LEU A 79 -1.81 -16.96 13.57
N LYS A 80 -2.24 -18.17 13.26
CA LYS A 80 -1.32 -19.28 13.17
C LYS A 80 -1.24 -19.83 11.74
N GLU A 81 -2.12 -19.33 10.88
CA GLU A 81 -2.11 -19.63 9.47
C GLU A 81 -2.70 -18.44 8.71
N PRO A 82 -2.52 -18.39 7.34
CA PRO A 82 -3.10 -17.27 6.62
C PRO A 82 -4.61 -17.35 6.72
N PRO A 83 -5.24 -16.18 6.85
CA PRO A 83 -6.70 -16.09 6.74
C PRO A 83 -7.28 -16.76 5.49
N GLN A 84 -8.52 -17.25 5.59
CA GLN A 84 -9.22 -17.75 4.40
C GLN A 84 -9.01 -16.78 3.22
N GLY A 85 -8.51 -17.32 2.11
CA GLY A 85 -8.28 -16.49 0.94
C GLY A 85 -6.87 -15.91 0.82
N ALA A 86 -6.15 -15.69 1.94
CA ALA A 86 -4.79 -15.13 1.92
C ALA A 86 -3.82 -16.14 1.40
N HIS A 87 -2.71 -15.66 0.88
CA HIS A 87 -1.70 -16.58 0.40
C HIS A 87 -0.61 -16.94 1.36
N PHE A 88 -0.14 -15.97 2.11
CA PHE A 88 0.99 -16.15 2.97
C PHE A 88 0.69 -15.45 4.28
N LEU A 89 1.39 -15.88 5.34
CA LEU A 89 1.36 -15.26 6.71
C LEU A 89 2.80 -15.06 7.28
N SER A 90 3.19 -13.82 7.53
CA SER A 90 4.44 -13.58 8.32
C SER A 90 4.20 -12.79 9.59
N ARG A 91 5.15 -12.91 10.49
CA ARG A 91 5.04 -12.39 11.86
C ARG A 91 5.74 -11.05 12.06
N SER A 92 6.44 -10.61 11.01
CA SER A 92 7.14 -9.32 10.99
C SER A 92 7.34 -8.88 9.55
N LEU A 93 7.42 -7.57 9.33
CA LEU A 93 7.93 -7.05 8.06
C LEU A 93 9.27 -7.71 7.66
N ASP A 94 10.23 -7.80 8.56
CA ASP A 94 11.53 -8.46 8.21
C ASP A 94 11.33 -9.83 7.59
N ASP A 95 10.48 -10.63 8.25
CA ASP A 95 10.16 -11.95 7.78
C ASP A 95 9.57 -12.00 6.41
N ALA A 96 8.63 -11.07 6.15
CA ALA A 96 7.93 -11.08 4.89
C ALA A 96 8.94 -10.81 3.81
N LEU A 97 9.83 -9.86 4.06
CA LEU A 97 10.82 -9.54 3.06
C LEU A 97 11.85 -10.68 2.89
N LYS A 98 12.42 -11.19 3.98
CA LYS A 98 13.16 -12.48 3.96
C LYS A 98 12.50 -13.50 3.03
N LEU A 99 11.19 -13.74 3.21
CA LEU A 99 10.44 -14.74 2.42
C LEU A 99 10.50 -14.53 0.89
N THR A 100 10.43 -13.28 0.44
CA THR A 100 10.43 -12.99 -1.00
C THR A 100 11.77 -13.43 -1.61
N GLU A 101 12.78 -13.48 -0.74
CA GLU A 101 14.12 -13.94 -1.08
C GLU A 101 14.32 -15.45 -1.02
N GLN A 102 13.34 -16.21 -0.54
CA GLN A 102 13.37 -17.68 -0.63
C GLN A 102 13.15 -18.12 -2.10
N PRO A 103 13.70 -19.30 -2.50
CA PRO A 103 13.62 -19.86 -3.88
C PRO A 103 12.22 -19.93 -4.57
N GLU A 104 11.20 -20.39 -3.86
CA GLU A 104 9.80 -20.26 -4.27
C GLU A 104 9.47 -18.85 -4.88
N LEU A 105 9.24 -17.86 -4.02
CA LEU A 105 8.92 -16.47 -4.44
C LEU A 105 9.98 -15.78 -5.27
N ALA A 106 11.24 -16.03 -4.90
CA ALA A 106 12.45 -15.48 -5.53
C ALA A 106 12.22 -15.00 -6.94
N ASN A 107 11.77 -15.91 -7.80
CA ASN A 107 11.63 -15.60 -9.21
C ASN A 107 10.18 -15.50 -9.71
N LYS A 108 9.22 -15.52 -8.78
CA LYS A 108 7.81 -15.19 -9.10
C LYS A 108 7.44 -13.72 -8.79
N VAL A 109 8.17 -13.06 -7.92
CA VAL A 109 7.73 -11.68 -7.48
C VAL A 109 8.52 -10.60 -8.17
N ASP A 110 7.81 -9.68 -8.85
CA ASP A 110 8.35 -8.36 -9.20
C ASP A 110 8.33 -7.32 -8.02
N MET A 111 7.34 -6.41 -8.04
CA MET A 111 7.28 -5.30 -7.08
C MET A 111 6.64 -5.81 -5.78
N VAL A 112 7.10 -5.29 -4.65
CA VAL A 112 6.40 -5.49 -3.38
C VAL A 112 5.76 -4.12 -3.01
N TRP A 113 4.46 -4.19 -2.64
CA TRP A 113 3.61 -3.05 -2.34
C TRP A 113 3.14 -3.23 -0.94
N ILE A 114 3.57 -2.37 -0.03
CA ILE A 114 2.97 -2.33 1.33
C ILE A 114 1.69 -1.46 1.25
N VAL A 115 0.55 -2.08 1.56
CA VAL A 115 -0.73 -1.39 1.38
C VAL A 115 -1.38 -1.04 2.74
N GLY A 116 -0.66 -1.18 3.85
CA GLY A 116 -1.22 -0.68 5.17
C GLY A 116 -1.18 -1.75 6.23
N GLY A 117 -1.34 -1.40 7.51
CA GLY A 117 -1.81 -0.06 7.93
C GLY A 117 -0.72 0.79 8.57
N SER A 118 -1.04 1.62 9.59
CA SER A 118 -0.09 2.61 10.12
C SER A 118 1.25 2.00 10.53
N SER A 119 1.18 0.93 11.32
CA SER A 119 2.45 0.40 11.85
C SER A 119 3.35 -0.29 10.80
N VAL A 120 2.77 -0.99 9.80
CA VAL A 120 3.58 -1.47 8.66
C VAL A 120 4.23 -0.28 7.89
N TYR A 121 3.43 0.74 7.59
CA TYR A 121 3.98 1.92 6.90
C TYR A 121 5.10 2.50 7.72
N LYS A 122 4.91 2.61 9.05
CA LYS A 122 5.93 3.27 9.90
C LYS A 122 7.29 2.59 9.73
N GLU A 123 7.29 1.28 9.91
CA GLU A 123 8.53 0.52 9.91
C GLU A 123 9.23 0.62 8.56
N ALA A 124 8.46 0.43 7.48
CA ALA A 124 9.01 0.50 6.14
C ALA A 124 9.64 1.86 5.94
N MET A 125 8.97 2.96 6.34
CA MET A 125 9.39 4.31 5.91
C MET A 125 10.69 4.79 6.58
N ASN A 126 11.02 4.09 7.66
CA ASN A 126 12.06 4.46 8.61
C ASN A 126 13.18 3.41 8.62
N HIS A 127 13.07 2.46 7.72
CA HIS A 127 14.09 1.41 7.54
C HIS A 127 15.02 1.88 6.42
N PRO A 128 16.37 1.78 6.60
CA PRO A 128 17.24 2.31 5.51
C PRO A 128 17.04 1.58 4.16
N GLY A 129 17.25 2.26 3.04
CA GLY A 129 17.04 1.64 1.74
C GLY A 129 16.30 2.45 0.69
N HIS A 130 16.10 1.88 -0.50
CA HIS A 130 15.46 2.55 -1.64
C HIS A 130 13.98 2.30 -1.50
N LEU A 131 13.13 3.34 -1.41
CA LEU A 131 11.71 3.12 -1.09
C LEU A 131 10.91 4.26 -1.74
N LYS A 132 9.83 3.88 -2.43
CA LYS A 132 8.89 4.91 -2.90
C LYS A 132 7.61 4.88 -2.15
N LEU A 133 6.97 6.06 -2.07
CA LEU A 133 5.65 6.23 -1.50
C LEU A 133 4.73 6.76 -2.59
N PHE A 134 3.68 6.00 -2.87
CA PHE A 134 2.65 6.49 -3.77
C PHE A 134 1.52 6.97 -2.90
N VAL A 135 1.32 8.29 -2.91
CA VAL A 135 0.46 9.03 -1.96
C VAL A 135 -0.64 9.73 -2.69
N THR A 136 -1.89 9.28 -2.48
CA THR A 136 -3.08 10.06 -2.87
C THR A 136 -3.53 11.00 -1.74
N ARG A 137 -3.54 12.32 -2.05
CA ARG A 137 -3.80 13.37 -1.12
C ARG A 137 -5.27 13.70 -1.31
N ILE A 138 -6.10 13.18 -0.43
CA ILE A 138 -7.50 13.60 -0.33
C ILE A 138 -7.51 15.05 0.26
N MET A 139 -7.93 16.03 -0.52
CA MET A 139 -7.74 17.44 -0.14
C MET A 139 -8.86 17.98 0.82
N GLN A 140 -9.22 17.22 1.85
CA GLN A 140 -10.13 17.72 2.92
C GLN A 140 -9.69 17.13 4.26
N ASP A 141 -10.14 17.71 5.36
CA ASP A 141 -10.10 16.97 6.60
C ASP A 141 -11.24 15.96 6.58
N PHE A 142 -10.98 14.80 7.20
CA PHE A 142 -12.01 13.78 7.54
C PHE A 142 -11.73 13.14 8.87
N GLU A 143 -12.78 12.96 9.69
CA GLU A 143 -12.65 12.35 11.00
C GLU A 143 -12.11 10.91 10.81
N SER A 144 -11.08 10.57 11.59
CA SER A 144 -10.27 9.39 11.34
C SER A 144 -9.84 8.88 12.66
N ASP A 145 -9.55 7.58 12.72
CA ASP A 145 -9.04 7.03 13.96
C ASP A 145 -7.71 6.31 13.75
N THR A 146 -7.21 6.34 12.52
CA THR A 146 -5.88 5.75 12.25
C THR A 146 -5.21 6.63 11.20
N PHE A 147 -3.92 6.80 11.36
CA PHE A 147 -3.17 7.90 10.71
C PHE A 147 -1.94 7.45 9.93
N PHE A 148 -1.67 8.11 8.79
CA PHE A 148 -0.39 7.92 8.09
C PHE A 148 0.79 8.49 8.88
N PRO A 149 1.90 7.74 8.93
CA PRO A 149 3.03 8.34 9.63
C PRO A 149 3.61 9.57 8.91
N GLU A 150 4.30 10.38 9.70
CA GLU A 150 5.01 11.53 9.15
C GLU A 150 5.99 11.21 7.98
N ILE A 151 5.83 11.96 6.90
CA ILE A 151 6.74 11.95 5.76
C ILE A 151 7.88 12.99 5.96
N ASP A 152 9.11 12.49 6.17
CA ASP A 152 10.29 13.37 6.33
C ASP A 152 10.74 13.83 4.95
N LEU A 153 10.48 15.11 4.61
CA LEU A 153 10.82 15.64 3.27
C LEU A 153 12.30 15.90 3.07
N GLU A 154 13.08 15.84 4.17
CA GLU A 154 14.54 15.87 4.05
C GLU A 154 15.01 14.56 3.33
N LYS A 155 14.31 13.45 3.54
CA LYS A 155 14.67 12.15 2.99
C LYS A 155 13.83 11.81 1.76
N TYR A 156 12.51 12.06 1.83
CA TYR A 156 11.58 11.74 0.71
C TYR A 156 11.40 12.87 -0.27
N LYS A 157 11.86 12.67 -1.51
CA LYS A 157 11.71 13.69 -2.54
C LYS A 157 10.41 13.55 -3.30
N LEU A 158 9.61 14.62 -3.42
CA LEU A 158 8.42 14.56 -4.23
C LEU A 158 8.87 14.62 -5.68
N LEU A 159 8.48 13.65 -6.49
CA LEU A 159 8.87 13.61 -7.89
C LEU A 159 7.99 14.55 -8.72
N PRO A 160 8.59 15.26 -9.67
CA PRO A 160 7.80 16.26 -10.44
C PRO A 160 6.89 15.63 -11.54
N GLU A 161 7.07 14.32 -11.77
CA GLU A 161 6.23 13.57 -12.68
C GLU A 161 6.48 12.10 -12.49
N TYR A 162 5.54 11.26 -12.87
CA TYR A 162 5.89 9.84 -12.87
C TYR A 162 4.99 9.19 -13.89
N PRO A 163 5.60 8.38 -14.79
CA PRO A 163 4.81 7.77 -15.89
C PRO A 163 3.63 6.92 -15.34
N GLY A 164 2.44 7.04 -15.91
CA GLY A 164 1.26 6.26 -15.42
C GLY A 164 0.50 6.95 -14.29
N VAL A 165 0.94 8.14 -13.89
CA VAL A 165 0.32 8.88 -12.79
C VAL A 165 -0.10 10.26 -13.22
N LEU A 166 -1.40 10.52 -13.12
CA LEU A 166 -1.91 11.86 -13.46
C LEU A 166 -1.48 12.96 -12.48
N SER A 167 -1.11 14.11 -13.03
CA SER A 167 -0.60 15.17 -12.20
C SER A 167 -1.67 16.11 -11.72
N ASP A 168 -2.76 16.16 -12.49
CA ASP A 168 -3.77 17.16 -12.22
C ASP A 168 -4.71 16.72 -11.11
N VAL A 169 -5.50 17.67 -10.64
CA VAL A 169 -6.51 17.41 -9.60
C VAL A 169 -7.66 16.53 -10.15
N GLN A 170 -8.09 15.58 -9.33
CA GLN A 170 -9.15 14.64 -9.64
C GLN A 170 -10.29 15.11 -8.77
N GLU A 171 -11.51 14.70 -9.09
CA GLU A 171 -12.59 14.90 -8.17
C GLU A 171 -13.64 13.82 -8.43
N GLU A 172 -14.14 13.22 -7.35
CA GLU A 172 -15.29 12.33 -7.39
C GLU A 172 -16.14 12.62 -6.16
N LYS A 173 -17.46 12.38 -6.31
CA LYS A 173 -18.42 12.74 -5.24
C LYS A 173 -18.12 14.09 -4.52
N GLY A 174 -17.68 15.10 -5.28
CA GLY A 174 -17.38 16.40 -4.67
C GLY A 174 -16.20 16.49 -3.73
N ILE A 175 -15.34 15.46 -3.75
CA ILE A 175 -14.06 15.45 -2.99
C ILE A 175 -12.90 15.57 -4.03
N LYS A 176 -12.00 16.53 -3.82
CA LYS A 176 -10.88 16.74 -4.74
C LYS A 176 -9.69 15.96 -4.17
N TYR A 177 -8.88 15.40 -5.07
CA TYR A 177 -7.70 14.69 -4.63
C TYR A 177 -6.65 14.70 -5.74
N LYS A 178 -5.40 14.36 -5.37
CA LYS A 178 -4.31 14.30 -6.35
C LYS A 178 -3.35 13.21 -5.94
N PHE A 179 -2.62 12.77 -6.93
CA PHE A 179 -1.63 11.67 -6.81
C PHE A 179 -0.20 12.20 -6.70
N GLU A 180 0.63 11.54 -5.89
CA GLU A 180 1.98 12.03 -5.62
C GLU A 180 2.87 10.80 -5.55
N VAL A 181 4.12 10.97 -5.98
CA VAL A 181 5.14 9.92 -5.82
C VAL A 181 6.33 10.59 -5.18
N TYR A 182 6.78 9.97 -4.06
CA TYR A 182 7.96 10.31 -3.27
C TYR A 182 8.97 9.20 -3.42
N GLU A 183 10.25 9.58 -3.41
CA GLU A 183 11.33 8.54 -3.36
C GLU A 183 12.42 8.90 -2.36
N LYS A 184 12.85 7.95 -1.52
CA LYS A 184 14.10 8.16 -0.75
C LYS A 184 15.08 7.06 -1.18
N ASN A 185 16.37 7.23 -0.83
CA ASN A 185 17.39 6.20 -0.99
C ASN A 185 18.47 6.48 0.02
N ASP A 186 18.56 5.67 1.05
CA ASP A 186 19.41 5.98 2.21
C ASP A 186 19.86 4.68 2.92
#